data_8CBU
#
_entry.id   8CBU
#
_cell.length_a   52.847
_cell.length_b   63.559
_cell.length_c   69.596
_cell.angle_alpha   90.000
_cell.angle_beta   100.720
_cell.angle_gamma   90.000
#
_symmetry.space_group_name_H-M   'P 1 21 1'
#
loop_
_entity.id
_entity.type
_entity.pdbx_description
1 polymer Integrase
2 non-polymer 'CHLORIDE ION'
3 non-polymer 1,2-ETHANEDIOL
4 non-polymer '(2S)-2-[3-cyclopropyl-6-methyl-2-(5-methyl-3,4-dihydro-2H-chromen-6-yl)phenyl]-2-cyclopropyloxy-ethanoic acid'
5 non-polymer 'MAGNESIUM ION'
6 non-polymer 'TRIETHYLENE GLYCOL'
7 water water
#
_entity_poly.entity_id   1
_entity_poly.type   'polypeptide(L)'
_entity_poly.pdbx_seq_one_letter_code
;SIQNFRVYYRDSRDPVWKGPAKLLEKGEGAVVIQDNSDIKVVPRRKAKIIRDYGKQMAGDDCVASRQDEDMHGQVDCSPG
IWQLDCTHLEGKVILVAVHVASGYIEAEVIPAETGQETAYFLLKLAGRWPVKTVHTDNGSNFTSTTVKAACWWAGIKQEF
GIPYNPQSQGVIESMNKELKKIIGQVRDQAEHLKTAVQMAVFIHNKKRKGGIGGYSAGERIVDIIATDIQTKE
;
_entity_poly.pdbx_strand_id   A,B,C,D
#
loop_
_chem_comp.id
_chem_comp.type
_chem_comp.name
_chem_comp.formula
CL non-polymer 'CHLORIDE ION' 'Cl -1'
EDO non-polymer 1,2-ETHANEDIOL 'C2 H6 O2'
MG non-polymer 'MAGNESIUM ION' 'Mg 2'
PGE non-polymer 'TRIETHYLENE GLYCOL' 'C6 H14 O4'
U60 non-polymer '(2S)-2-[3-cyclopropyl-6-methyl-2-(5-methyl-3,4-dihydro-2H-chromen-6-yl)phenyl]-2-cyclopropyloxy-ethanoic acid' 'C25 H28 O4'
#
# COMPACT_ATOMS: atom_id res chain seq x y z
N ASN A 4 3.24 29.13 -4.31
CA ASN A 4 2.29 28.15 -4.82
C ASN A 4 3.03 27.02 -5.51
N PHE A 5 4.03 27.36 -6.32
CA PHE A 5 4.81 26.38 -7.05
C PHE A 5 6.22 26.29 -6.48
N ARG A 6 6.85 25.14 -6.70
CA ARG A 6 8.25 24.89 -6.38
C ARG A 6 8.89 24.15 -7.55
N VAL A 7 10.15 24.45 -7.84
CA VAL A 7 10.85 23.87 -8.98
C VAL A 7 11.97 22.98 -8.48
N TYR A 8 12.02 21.76 -9.00
CA TYR A 8 13.09 20.80 -8.75
C TYR A 8 13.82 20.55 -10.07
N TYR A 9 15.15 20.47 -10.00
CA TYR A 9 15.95 20.53 -11.21
C TYR A 9 17.23 19.73 -11.02
N ARG A 10 17.88 19.43 -12.15
CA ARG A 10 19.16 18.73 -12.18
C ARG A 10 20.15 19.55 -12.99
N ASP A 11 21.34 19.74 -12.44
CA ASP A 11 22.41 20.42 -13.15
C ASP A 11 23.21 19.42 -14.00
N SER A 12 24.08 19.97 -14.84
CA SER A 12 24.92 19.18 -15.75
C SER A 12 24.07 18.27 -16.64
N PRO A 15 23.47 15.02 -11.49
CA PRO A 15 22.53 13.90 -11.63
C PRO A 15 21.49 13.86 -10.51
N VAL A 16 21.89 14.20 -9.29
CA VAL A 16 20.96 14.21 -8.17
C VAL A 16 20.01 15.40 -8.29
N TRP A 17 18.73 15.17 -8.03
CA TRP A 17 17.74 16.24 -8.09
C TRP A 17 18.00 17.27 -7.00
N LYS A 18 18.05 18.54 -7.39
CA LYS A 18 18.28 19.65 -6.47
C LYS A 18 17.01 20.47 -6.32
N GLY A 19 16.86 21.10 -5.16
CA GLY A 19 15.69 21.88 -4.85
C GLY A 19 15.23 21.68 -3.42
N PRO A 20 14.09 22.28 -3.05
CA PRO A 20 13.20 23.11 -3.88
C PRO A 20 13.73 24.52 -4.10
N ALA A 21 13.36 25.14 -5.21
CA ALA A 21 13.81 26.48 -5.55
C ALA A 21 12.63 27.35 -5.93
N LYS A 22 12.78 28.65 -5.70
CA LYS A 22 11.75 29.62 -6.07
C LYS A 22 11.61 29.70 -7.57
N LEU A 23 10.36 29.70 -8.04
CA LEU A 23 10.07 29.88 -9.45
C LEU A 23 9.95 31.38 -9.71
N LEU A 24 10.79 31.90 -10.61
CA LEU A 24 10.76 33.31 -10.98
C LEU A 24 10.06 33.55 -12.31
N GLU A 25 10.29 32.70 -13.29
CA GLU A 25 9.65 32.85 -14.59
C GLU A 25 9.72 31.53 -15.34
N LYS A 26 8.66 31.23 -16.09
CA LYS A 26 8.60 30.06 -16.95
C LYS A 26 8.51 30.50 -18.40
N GLY A 27 9.45 30.04 -19.22
CA GLY A 27 9.46 30.34 -20.63
C GLY A 27 9.07 29.17 -21.50
N GLU A 28 9.23 29.36 -22.81
CA GLU A 28 8.87 28.31 -23.76
C GLU A 28 9.82 27.12 -23.67
N GLY A 29 11.11 27.39 -23.44
CA GLY A 29 12.10 26.32 -23.44
C GLY A 29 12.97 26.28 -22.20
N ALA A 30 12.75 27.21 -21.27
CA ALA A 30 13.56 27.28 -20.06
C ALA A 30 12.74 27.86 -18.93
N VAL A 31 13.23 27.68 -17.71
CA VAL A 31 12.63 28.27 -16.52
C VAL A 31 13.72 28.98 -15.73
N VAL A 32 13.38 30.13 -15.16
CA VAL A 32 14.29 30.90 -14.34
C VAL A 32 13.90 30.69 -12.88
N ILE A 33 14.85 30.22 -12.07
CA ILE A 33 14.60 29.89 -10.68
C ILE A 33 15.69 30.49 -9.81
N GLN A 34 15.38 30.58 -8.52
CA GLN A 34 16.35 30.99 -7.51
C GLN A 34 16.46 29.89 -6.48
N ASP A 35 17.59 29.19 -6.48
CA ASP A 35 17.92 28.19 -5.47
C ASP A 35 18.82 28.86 -4.45
N ASN A 36 18.30 29.04 -3.23
CA ASN A 36 18.97 29.80 -2.18
C ASN A 36 19.21 31.24 -2.63
N SER A 37 20.47 31.61 -2.86
CA SER A 37 20.82 32.96 -3.25
C SER A 37 21.30 33.07 -4.69
N ASP A 38 21.21 32.00 -5.48
CA ASP A 38 21.70 32.00 -6.85
C ASP A 38 20.53 31.89 -7.83
N ILE A 39 20.60 32.67 -8.89
CA ILE A 39 19.61 32.63 -9.96
C ILE A 39 20.12 31.68 -11.06
N LYS A 40 19.26 30.77 -11.49
CA LYS A 40 19.63 29.78 -12.49
C LYS A 40 18.60 29.76 -13.61
N VAL A 41 19.09 29.47 -14.82
CA VAL A 41 18.25 29.26 -16.00
C VAL A 41 18.36 27.79 -16.37
N VAL A 42 17.26 27.07 -16.24
CA VAL A 42 17.26 25.62 -16.43
C VAL A 42 16.35 25.26 -17.59
N PRO A 43 16.75 24.37 -18.49
CA PRO A 43 15.85 23.93 -19.57
C PRO A 43 14.63 23.24 -19.01
N ARG A 44 13.56 23.25 -19.81
CA ARG A 44 12.31 22.64 -19.40
C ARG A 44 12.48 21.15 -19.13
N ARG A 45 13.26 20.46 -19.96
CA ARG A 45 13.39 19.02 -19.83
C ARG A 45 14.14 18.61 -18.57
N LYS A 46 14.82 19.55 -17.90
CA LYS A 46 15.60 19.25 -16.70
C LYS A 46 15.00 19.90 -15.46
N ALA A 47 13.74 20.33 -15.51
CA ALA A 47 13.12 20.99 -14.38
C ALA A 47 11.70 20.49 -14.21
N LYS A 48 11.30 20.29 -12.96
CA LYS A 48 9.94 19.88 -12.61
C LYS A 48 9.34 20.95 -11.72
N ILE A 49 8.27 21.58 -12.20
CA ILE A 49 7.55 22.61 -11.46
C ILE A 49 6.36 21.93 -10.79
N ILE A 50 6.37 21.85 -9.46
CA ILE A 50 5.41 21.07 -8.70
C ILE A 50 4.53 22.03 -7.90
N ARG A 51 3.22 21.96 -8.14
CA ARG A 51 2.24 22.73 -7.39
C ARG A 51 1.86 22.00 -6.11
N ASP A 52 1.60 22.76 -5.04
CA ASP A 52 1.13 22.17 -3.79
C ASP A 52 -0.33 21.77 -3.98
N TYR A 53 -0.56 20.47 -4.20
CA TYR A 53 -1.90 19.98 -4.50
C TYR A 53 -2.65 19.53 -3.25
N GLY A 54 -1.97 18.99 -2.24
CA GLY A 54 -2.65 18.61 -1.03
C GLY A 54 -3.22 19.78 -0.27
N LYS A 55 -2.60 20.96 -0.38
CA LYS A 55 -3.09 22.16 0.27
C LYS A 55 -4.33 22.68 -0.44
N GLN A 56 -4.17 23.16 -1.66
CA GLN A 56 -5.28 23.69 -2.43
C GLN A 56 -5.35 23.03 -3.82
N SER B 78 -3.11 14.33 17.60
CA SER B 78 -3.58 14.96 16.37
C SER B 78 -3.78 13.92 15.26
N PRO B 79 -4.94 13.97 14.60
CA PRO B 79 -5.27 12.94 13.60
C PRO B 79 -4.35 12.92 12.39
N GLY B 80 -3.58 13.98 12.15
CA GLY B 80 -2.78 14.04 10.95
C GLY B 80 -1.28 13.85 11.14
N ILE B 81 -0.87 13.34 12.31
CA ILE B 81 0.53 13.15 12.63
C ILE B 81 0.91 11.70 12.33
N TRP B 82 1.98 11.52 11.55
CA TRP B 82 2.49 10.21 11.22
C TRP B 82 3.98 10.17 11.51
N GLN B 83 4.49 8.97 11.78
CA GLN B 83 5.92 8.73 11.94
C GLN B 83 6.34 7.67 10.95
N LEU B 84 7.43 7.92 10.23
CA LEU B 84 7.96 6.98 9.26
C LEU B 84 9.41 6.67 9.61
N ASP B 85 9.76 5.39 9.48
CA ASP B 85 11.13 4.94 9.72
C ASP B 85 11.31 3.61 9.04
N CYS B 86 12.58 3.26 8.78
CA CYS B 86 12.92 2.00 8.16
C CYS B 86 13.48 1.03 9.20
N THR B 87 13.14 -0.24 9.03
CA THR B 87 13.72 -1.33 9.81
C THR B 87 14.17 -2.41 8.83
N HIS B 88 15.05 -3.29 9.30
N HIS B 88 15.04 -3.29 9.30
CA HIS B 88 15.70 -4.25 8.42
CA HIS B 88 15.71 -4.25 8.44
C HIS B 88 15.58 -5.66 8.97
C HIS B 88 15.56 -5.66 8.99
N LEU B 89 15.31 -6.61 8.08
CA LEU B 89 15.23 -8.02 8.42
C LEU B 89 15.67 -8.83 7.20
N GLU B 90 16.51 -9.83 7.43
CA GLU B 90 16.98 -10.72 6.37
C GLU B 90 17.64 -9.96 5.22
N GLY B 91 18.30 -8.85 5.53
CA GLY B 91 18.95 -8.06 4.50
C GLY B 91 18.02 -7.22 3.65
N LYS B 92 16.75 -7.12 4.01
CA LYS B 92 15.77 -6.35 3.25
C LYS B 92 15.34 -5.12 4.05
N VAL B 93 14.84 -4.13 3.31
CA VAL B 93 14.44 -2.84 3.89
C VAL B 93 12.93 -2.83 4.06
N ILE B 94 12.48 -2.54 5.28
CA ILE B 94 11.07 -2.47 5.62
C ILE B 94 10.77 -1.04 6.03
N LEU B 95 9.94 -0.35 5.24
CA LEU B 95 9.51 1.01 5.53
C LEU B 95 8.19 0.97 6.26
N VAL B 96 8.16 1.51 7.48
CA VAL B 96 7.00 1.44 8.35
C VAL B 96 6.48 2.85 8.62
N ALA B 97 5.19 3.05 8.45
CA ALA B 97 4.49 4.27 8.83
C ALA B 97 3.49 3.95 9.93
N VAL B 98 3.41 4.83 10.93
CA VAL B 98 2.50 4.62 12.06
C VAL B 98 1.68 5.88 12.27
N HIS B 99 0.38 5.72 12.45
CA HIS B 99 -0.50 6.81 12.86
C HIS B 99 -0.40 6.93 14.38
N VAL B 100 0.21 8.03 14.84
CA VAL B 100 0.60 8.13 16.25
C VAL B 100 -0.61 8.08 17.17
N ALA B 101 -1.70 8.76 16.79
CA ALA B 101 -2.87 8.86 17.66
C ALA B 101 -3.57 7.53 17.86
N SER B 102 -3.43 6.59 16.92
CA SER B 102 -4.14 5.33 16.97
C SER B 102 -3.23 4.11 17.07
N GLY B 103 -1.97 4.21 16.65
CA GLY B 103 -1.11 3.06 16.57
C GLY B 103 -1.25 2.24 15.30
N TYR B 104 -2.17 2.61 14.42
CA TYR B 104 -2.31 1.94 13.14
C TYR B 104 -1.02 2.08 12.33
N ILE B 105 -0.63 1.00 11.64
CA ILE B 105 0.63 0.98 10.91
C ILE B 105 0.42 0.52 9.48
N GLU B 106 1.27 1.03 8.58
CA GLU B 106 1.43 0.52 7.23
C GLU B 106 2.89 0.21 7.01
N ALA B 107 3.17 -0.90 6.32
CA ALA B 107 4.53 -1.33 6.08
C ALA B 107 4.66 -1.86 4.66
N GLU B 108 5.84 -1.70 4.08
N GLU B 108 5.85 -1.70 4.10
CA GLU B 108 6.11 -2.22 2.75
CA GLU B 108 6.14 -2.17 2.74
C GLU B 108 7.60 -2.53 2.64
C GLU B 108 7.61 -2.55 2.67
N VAL B 109 7.92 -3.61 1.94
CA VAL B 109 9.29 -4.03 1.70
C VAL B 109 9.73 -3.36 0.40
N ILE B 110 10.65 -2.40 0.51
CA ILE B 110 11.12 -1.64 -0.65
C ILE B 110 12.42 -2.23 -1.15
N PRO B 111 12.65 -2.25 -2.47
CA PRO B 111 13.89 -2.87 -2.99
C PRO B 111 15.15 -2.11 -2.62
N ALA B 112 15.03 -0.84 -2.26
CA ALA B 112 16.18 -0.04 -1.87
C ALA B 112 15.71 1.07 -0.94
N GLU B 113 16.53 1.40 0.06
CA GLU B 113 16.21 2.45 1.01
C GLU B 113 16.63 3.81 0.44
N THR B 114 15.94 4.20 -0.63
CA THR B 114 16.24 5.42 -1.35
C THR B 114 15.09 6.42 -1.17
N GLY B 115 15.37 7.67 -1.51
CA GLY B 115 14.34 8.70 -1.43
C GLY B 115 13.22 8.48 -2.44
N GLN B 116 13.54 7.87 -3.58
CA GLN B 116 12.51 7.59 -4.58
C GLN B 116 11.52 6.55 -4.09
N GLU B 117 12.02 5.49 -3.45
CA GLU B 117 11.12 4.50 -2.87
C GLU B 117 10.37 5.05 -1.67
N THR B 118 11.01 5.91 -0.88
CA THR B 118 10.34 6.53 0.25
C THR B 118 9.26 7.50 -0.23
N ALA B 119 9.54 8.27 -1.29
CA ALA B 119 8.57 9.23 -1.79
C ALA B 119 7.37 8.51 -2.41
N TYR B 120 7.61 7.40 -3.11
CA TYR B 120 6.51 6.62 -3.66
C TYR B 120 5.63 6.05 -2.55
N PHE B 121 6.25 5.64 -1.44
CA PHE B 121 5.49 5.18 -0.29
C PHE B 121 4.62 6.29 0.27
N LEU B 122 5.15 7.52 0.34
CA LEU B 122 4.39 8.64 0.89
C LEU B 122 3.20 8.99 0.00
N LEU B 123 3.38 8.94 -1.32
CA LEU B 123 2.27 9.22 -2.23
C LEU B 123 1.12 8.26 -2.01
N LYS B 124 1.42 6.97 -1.87
CA LYS B 124 0.38 5.98 -1.59
C LYS B 124 -0.28 6.26 -0.24
N LEU B 125 0.52 6.59 0.77
CA LEU B 125 -0.04 6.90 2.08
C LEU B 125 -0.90 8.15 2.04
N ALA B 126 -0.44 9.19 1.33
CA ALA B 126 -1.12 10.48 1.35
C ALA B 126 -2.48 10.41 0.66
N GLY B 127 -2.57 9.66 -0.45
CA GLY B 127 -3.85 9.49 -1.13
C GLY B 127 -4.83 8.60 -0.40
N ARG B 128 -4.45 8.11 0.77
CA ARG B 128 -5.22 7.16 1.54
C ARG B 128 -5.73 7.73 2.87
N TRP B 129 -4.89 8.46 3.58
CA TRP B 129 -5.22 9.08 4.85
C TRP B 129 -4.97 10.57 4.79
N PRO B 130 -5.57 11.35 5.70
CA PRO B 130 -5.23 12.79 5.79
C PRO B 130 -3.86 13.00 6.42
N VAL B 131 -2.82 12.86 5.60
CA VAL B 131 -1.44 12.99 6.06
C VAL B 131 -1.08 14.47 6.08
N LYS B 132 -0.93 15.04 7.27
CA LYS B 132 -0.59 16.45 7.44
C LYS B 132 0.85 16.66 7.86
N THR B 133 1.38 15.83 8.75
CA THR B 133 2.75 15.97 9.23
C THR B 133 3.38 14.59 9.35
N VAL B 134 4.60 14.46 8.84
CA VAL B 134 5.37 13.23 8.95
C VAL B 134 6.64 13.52 9.75
N HIS B 135 6.90 12.71 10.76
N HIS B 135 6.89 12.71 10.78
CA HIS B 135 8.07 12.86 11.62
CA HIS B 135 8.06 12.85 11.63
C HIS B 135 9.01 11.69 11.37
C HIS B 135 9.00 11.68 11.35
N THR B 136 10.20 12.00 10.87
CA THR B 136 11.22 10.99 10.56
C THR B 136 12.53 11.39 11.21
N ASP B 137 13.50 10.46 11.16
CA ASP B 137 14.86 10.77 11.57
C ASP B 137 15.58 11.44 10.40
N ASN B 138 16.90 11.61 10.53
CA ASN B 138 17.69 12.28 9.50
C ASN B 138 18.30 11.31 8.49
N GLY B 139 17.62 10.20 8.20
CA GLY B 139 18.09 9.31 7.17
C GLY B 139 18.10 9.98 5.81
N SER B 140 19.08 9.62 4.98
CA SER B 140 19.24 10.27 3.69
C SER B 140 18.06 10.01 2.75
N ASN B 141 17.23 9.00 3.05
CA ASN B 141 16.05 8.76 2.22
C ASN B 141 14.90 9.67 2.59
N PHE B 142 14.77 10.03 3.87
CA PHE B 142 13.68 10.92 4.28
C PHE B 142 14.01 12.38 4.02
N THR B 143 15.29 12.76 4.05
CA THR B 143 15.71 14.13 3.78
C THR B 143 15.99 14.36 2.30
N SER B 144 15.74 13.37 1.46
CA SER B 144 16.06 13.49 0.04
C SER B 144 15.15 14.50 -0.64
N THR B 145 15.61 14.97 -1.81
CA THR B 145 14.83 15.92 -2.60
C THR B 145 13.55 15.29 -3.15
N THR B 146 13.61 13.99 -3.49
CA THR B 146 12.44 13.31 -4.03
C THR B 146 11.30 13.27 -3.02
N VAL B 147 11.62 13.14 -1.73
CA VAL B 147 10.59 13.15 -0.70
C VAL B 147 10.03 14.55 -0.51
N LYS B 148 10.89 15.57 -0.59
CA LYS B 148 10.43 16.95 -0.46
C LYS B 148 9.39 17.30 -1.51
N ALA B 149 9.58 16.84 -2.75
CA ALA B 149 8.62 17.12 -3.79
C ALA B 149 7.30 16.39 -3.55
N ALA B 150 7.37 15.15 -3.08
CA ALA B 150 6.15 14.40 -2.78
C ALA B 150 5.37 15.06 -1.65
N CYS B 151 6.06 15.43 -0.57
CA CYS B 151 5.39 16.07 0.56
C CYS B 151 4.83 17.43 0.15
N TRP B 152 5.55 18.16 -0.71
CA TRP B 152 5.05 19.45 -1.17
C TRP B 152 3.83 19.29 -2.06
N TRP B 153 3.85 18.31 -2.96
CA TRP B 153 2.70 18.09 -3.83
C TRP B 153 1.50 17.58 -3.04
N ALA B 154 1.73 16.69 -2.09
CA ALA B 154 0.65 16.13 -1.29
C ALA B 154 0.26 17.01 -0.11
N GLY B 155 0.94 18.13 0.10
CA GLY B 155 0.62 19.02 1.20
C GLY B 155 1.01 18.48 2.57
N ILE B 156 2.19 17.86 2.66
CA ILE B 156 2.65 17.23 3.89
C ILE B 156 3.82 18.05 4.44
N LYS B 157 3.77 18.31 5.75
CA LYS B 157 4.87 18.98 6.43
C LYS B 157 5.79 17.94 7.06
N GLN B 158 7.09 18.15 6.93
CA GLN B 158 8.09 17.23 7.46
C GLN B 158 8.71 17.79 8.73
N GLU B 159 8.95 16.92 9.69
CA GLU B 159 9.63 17.27 10.92
C GLU B 159 10.73 16.26 11.19
N PHE B 160 11.89 16.74 11.63
CA PHE B 160 13.03 15.87 11.89
C PHE B 160 13.50 16.01 13.34
N GLY B 170 9.64 8.05 20.35
CA GLY B 170 10.05 6.77 19.83
C GLY B 170 8.89 5.82 19.56
N VAL B 171 7.79 6.37 19.03
CA VAL B 171 6.62 5.54 18.76
C VAL B 171 6.89 4.60 17.60
N ILE B 172 7.54 5.09 16.54
CA ILE B 172 7.80 4.23 15.38
C ILE B 172 8.90 3.22 15.70
N GLU B 173 9.89 3.61 16.52
CA GLU B 173 10.95 2.67 16.89
C GLU B 173 10.43 1.58 17.81
N SER B 174 9.55 1.94 18.75
CA SER B 174 8.89 0.92 19.56
C SER B 174 7.94 0.07 18.73
N MET B 175 7.39 0.63 17.66
CA MET B 175 6.50 -0.12 16.80
C MET B 175 7.25 -1.10 15.90
N ASN B 176 8.46 -0.72 15.46
CA ASN B 176 9.30 -1.65 14.71
C ASN B 176 9.65 -2.87 15.54
N LYS B 177 9.90 -2.69 16.83
CA LYS B 177 10.13 -3.83 17.71
C LYS B 177 8.90 -4.70 17.80
N GLU B 178 7.72 -4.08 17.89
CA GLU B 178 6.48 -4.86 17.93
C GLU B 178 6.24 -5.57 16.61
N LEU B 179 6.57 -4.92 15.49
CA LEU B 179 6.42 -5.54 14.18
C LEU B 179 7.33 -6.75 14.03
N LYS B 180 8.61 -6.60 14.39
CA LYS B 180 9.54 -7.71 14.29
C LYS B 180 9.15 -8.87 15.19
N LYS B 181 8.49 -8.57 16.32
CA LYS B 181 8.03 -9.65 17.21
C LYS B 181 6.96 -10.50 16.52
N ILE B 182 5.96 -9.86 15.92
CA ILE B 182 4.89 -10.60 15.26
C ILE B 182 5.41 -11.27 13.99
N ILE B 183 6.39 -10.66 13.32
CA ILE B 183 6.96 -11.28 12.12
C ILE B 183 7.61 -12.62 12.46
N GLY B 184 8.41 -12.65 13.52
CA GLY B 184 9.05 -13.90 13.92
C GLY B 184 8.05 -14.96 14.35
N GLN B 185 6.89 -14.55 14.84
CA GLN B 185 5.88 -15.52 15.26
C GLN B 185 5.21 -16.19 14.07
N VAL B 186 5.17 -15.53 12.91
CA VAL B 186 4.50 -16.05 11.73
C VAL B 186 5.45 -16.28 10.57
N ARG B 187 6.76 -16.14 10.80
CA ARG B 187 7.71 -16.19 9.69
C ARG B 187 7.71 -17.55 9.00
N ASP B 188 7.60 -18.63 9.78
CA ASP B 188 7.62 -19.96 9.20
C ASP B 188 6.36 -20.29 8.42
N GLN B 189 5.31 -19.49 8.56
CA GLN B 189 4.05 -19.73 7.86
C GLN B 189 4.06 -19.21 6.42
N ALA B 190 5.14 -18.59 5.98
CA ALA B 190 5.22 -18.05 4.64
C ALA B 190 6.66 -18.11 4.15
N GLU B 191 6.81 -18.21 2.83
CA GLU B 191 8.14 -18.21 2.23
C GLU B 191 8.74 -16.81 2.22
N HIS B 192 8.02 -15.84 1.66
CA HIS B 192 8.55 -14.50 1.50
C HIS B 192 8.42 -13.70 2.79
N LEU B 193 9.46 -12.92 3.10
CA LEU B 193 9.41 -12.04 4.26
C LEU B 193 8.29 -11.02 4.12
N LYS B 194 8.09 -10.50 2.91
CA LYS B 194 7.06 -9.49 2.69
C LYS B 194 5.68 -10.02 3.05
N THR B 195 5.45 -11.32 2.89
CA THR B 195 4.17 -11.89 3.29
C THR B 195 4.02 -11.90 4.81
N ALA B 196 5.08 -12.30 5.52
CA ALA B 196 5.04 -12.27 6.98
C ALA B 196 4.91 -10.84 7.50
N VAL B 197 5.47 -9.87 6.79
CA VAL B 197 5.32 -8.47 7.19
C VAL B 197 3.86 -8.06 7.16
N GLN B 198 3.17 -8.34 6.05
CA GLN B 198 1.78 -7.91 5.93
C GLN B 198 0.87 -8.72 6.84
N MET B 199 1.23 -9.97 7.13
CA MET B 199 0.50 -10.72 8.16
C MET B 199 0.67 -10.06 9.52
N ALA B 200 1.89 -9.61 9.83
CA ALA B 200 2.15 -8.96 11.11
C ALA B 200 1.42 -7.64 11.22
N VAL B 201 1.36 -6.87 10.14
CA VAL B 201 0.62 -5.62 10.13
C VAL B 201 -0.88 -5.89 10.30
N PHE B 202 -1.37 -6.93 9.62
CA PHE B 202 -2.76 -7.35 9.81
C PHE B 202 -3.04 -7.66 11.27
N ILE B 203 -2.21 -8.50 11.88
CA ILE B 203 -2.43 -8.90 13.27
C ILE B 203 -2.41 -7.68 14.19
N HIS B 204 -1.51 -6.73 13.92
CA HIS B 204 -1.40 -5.55 14.77
C HIS B 204 -2.63 -4.66 14.64
N ASN B 205 -3.05 -4.37 13.41
CA ASN B 205 -4.14 -3.43 13.20
C ASN B 205 -5.50 -3.99 13.58
N LYS B 206 -5.64 -5.32 13.64
CA LYS B 206 -6.94 -5.94 13.93
C LYS B 206 -7.09 -6.42 15.37
N LYS B 207 -6.03 -6.38 16.17
CA LYS B 207 -6.09 -6.89 17.53
C LYS B 207 -6.81 -5.88 18.41
N ARG B 208 -7.87 -6.32 19.09
CA ARG B 208 -8.64 -5.46 19.97
C ARG B 208 -7.99 -5.37 21.34
N LYS B 209 -7.99 -4.17 21.91
CA LYS B 209 -7.37 -3.83 23.19
C LYS B 209 -6.04 -4.54 23.42
N GLY B 214 -13.55 -2.18 23.59
CA GLY B 214 -12.23 -1.79 23.12
C GLY B 214 -12.06 -1.98 21.62
N TYR B 215 -11.43 -1.00 20.99
CA TYR B 215 -11.19 -1.04 19.55
C TYR B 215 -9.77 -1.54 19.25
N SER B 216 -9.55 -1.85 17.97
CA SER B 216 -8.23 -2.15 17.45
C SER B 216 -7.61 -0.88 16.87
N ALA B 217 -6.33 -0.99 16.51
CA ALA B 217 -5.64 0.15 15.91
C ALA B 217 -6.31 0.58 14.62
N GLY B 218 -6.68 -0.39 13.77
CA GLY B 218 -7.38 -0.04 12.54
C GLY B 218 -8.74 0.60 12.78
N GLU B 219 -9.42 0.20 13.86
CA GLU B 219 -10.70 0.80 14.18
C GLU B 219 -10.53 2.21 14.76
N ARG B 220 -9.46 2.43 15.54
CA ARG B 220 -9.26 3.73 16.16
C ARG B 220 -8.97 4.81 15.13
N ILE B 221 -8.10 4.51 14.16
CA ILE B 221 -7.72 5.52 13.17
C ILE B 221 -8.92 5.94 12.33
N VAL B 222 -9.79 4.98 11.98
CA VAL B 222 -10.99 5.32 11.24
C VAL B 222 -11.95 6.10 12.12
N ASP B 223 -12.01 5.77 13.41
CA ASP B 223 -12.84 6.52 14.34
C ASP B 223 -12.31 7.93 14.55
N ILE B 224 -10.99 8.06 14.72
CA ILE B 224 -10.38 9.37 14.98
C ILE B 224 -10.56 10.28 13.77
N ILE B 225 -10.29 9.76 12.57
CA ILE B 225 -10.32 10.60 11.37
C ILE B 225 -11.75 11.03 11.05
N ALA B 226 -12.72 10.12 11.17
CA ALA B 226 -14.10 10.47 10.87
C ALA B 226 -14.66 11.48 11.87
N THR B 227 -14.22 11.39 13.14
CA THR B 227 -14.62 12.39 14.12
C THR B 227 -14.06 13.76 13.78
N ASP B 228 -12.85 13.80 13.23
CA ASP B 228 -12.22 15.07 12.86
C ASP B 228 -12.89 15.69 11.64
N ILE B 229 -13.51 14.88 10.79
CA ILE B 229 -14.20 15.40 9.61
C ILE B 229 -15.43 16.19 10.03
N GLN C 3 -12.12 -23.08 11.53
CA GLN C 3 -11.78 -23.55 12.87
C GLN C 3 -10.39 -24.18 12.91
N ASN C 4 -10.21 -25.23 12.11
CA ASN C 4 -8.94 -25.96 12.10
C ASN C 4 -7.96 -25.31 11.15
N PHE C 5 -7.04 -26.09 10.59
CA PHE C 5 -6.02 -25.59 9.68
C PHE C 5 -6.30 -26.06 8.26
N ARG C 6 -5.68 -25.39 7.31
CA ARG C 6 -5.67 -25.85 5.93
C ARG C 6 -4.24 -25.83 5.43
N VAL C 7 -3.89 -26.87 4.68
CA VAL C 7 -2.54 -27.09 4.18
C VAL C 7 -2.61 -27.00 2.66
N TYR C 8 -1.70 -26.23 2.07
CA TYR C 8 -1.56 -26.14 0.64
C TYR C 8 -0.21 -26.73 0.25
N TYR C 9 -0.18 -27.48 -0.84
CA TYR C 9 0.96 -28.32 -1.15
C TYR C 9 1.09 -28.49 -2.64
N ARG C 10 2.28 -28.91 -3.07
CA ARG C 10 2.57 -29.19 -4.47
C ARG C 10 3.17 -30.58 -4.59
N ASP C 11 2.62 -31.38 -5.50
CA ASP C 11 3.17 -32.70 -5.81
C ASP C 11 2.85 -32.99 -7.27
N SER C 12 3.85 -32.88 -8.14
CA SER C 12 3.65 -33.11 -9.56
C SER C 12 3.45 -34.58 -9.86
N PRO C 15 3.85 -27.95 -9.61
CA PRO C 15 3.10 -27.05 -10.50
C PRO C 15 2.16 -26.12 -9.73
N VAL C 16 0.86 -26.23 -9.99
CA VAL C 16 -0.11 -25.39 -9.32
C VAL C 16 -0.29 -25.85 -7.87
N TRP C 17 -0.40 -24.89 -6.95
CA TRP C 17 -0.60 -25.22 -5.55
C TRP C 17 -1.93 -25.95 -5.37
N LYS C 18 -1.89 -27.06 -4.65
CA LYS C 18 -3.05 -27.89 -4.40
C LYS C 18 -3.52 -27.71 -2.96
N GLY C 19 -4.81 -27.91 -2.75
CA GLY C 19 -5.40 -27.70 -1.45
C GLY C 19 -6.75 -27.03 -1.55
N PRO C 20 -7.35 -26.69 -0.40
CA PRO C 20 -6.84 -26.86 0.97
C PRO C 20 -6.92 -28.30 1.46
N ALA C 21 -6.05 -28.71 2.38
CA ALA C 21 -6.04 -30.08 2.87
C ALA C 21 -6.05 -30.11 4.39
N LYS C 22 -6.63 -31.18 4.92
CA LYS C 22 -6.73 -31.38 6.36
C LYS C 22 -5.34 -31.66 6.92
N LEU C 23 -4.98 -31.00 8.02
CA LEU C 23 -3.69 -31.23 8.68
C LEU C 23 -3.80 -32.35 9.71
N LEU C 24 -3.00 -33.39 9.54
CA LEU C 24 -2.95 -34.52 10.47
C LEU C 24 -1.72 -34.50 11.37
N GLU C 25 -0.55 -34.18 10.82
CA GLU C 25 0.67 -34.11 11.61
C GLU C 25 1.72 -33.29 10.87
N LYS C 26 2.52 -32.55 11.62
CA LYS C 26 3.66 -31.81 11.08
C LYS C 26 4.94 -32.40 11.67
N GLY C 27 5.83 -32.85 10.80
CA GLY C 27 7.09 -33.42 11.20
C GLY C 27 8.28 -32.52 10.87
N GLU C 28 9.48 -33.07 11.07
CA GLU C 28 10.69 -32.33 10.78
C GLU C 28 10.89 -32.16 9.28
N GLY C 29 10.56 -33.19 8.50
CA GLY C 29 10.80 -33.14 7.07
C GLY C 29 9.59 -33.50 6.22
N ALA C 30 8.47 -33.83 6.87
CA ALA C 30 7.27 -34.23 6.14
C ALA C 30 6.04 -33.86 6.95
N VAL C 31 4.91 -33.72 6.25
N VAL C 31 4.91 -33.78 6.25
CA VAL C 31 3.63 -33.46 6.88
CA VAL C 31 3.62 -33.43 6.84
C VAL C 31 2.62 -34.47 6.36
C VAL C 31 2.58 -34.41 6.33
N VAL C 32 1.78 -34.95 7.25
CA VAL C 32 0.70 -35.87 6.90
C VAL C 32 -0.59 -35.07 6.75
N ILE C 33 -1.21 -35.17 5.57
CA ILE C 33 -2.41 -34.41 5.26
C ILE C 33 -3.44 -35.33 4.64
N GLN C 34 -4.69 -34.86 4.63
CA GLN C 34 -5.77 -35.51 3.90
C GLN C 34 -6.38 -34.51 2.93
N ASP C 35 -6.19 -34.74 1.64
CA ASP C 35 -6.84 -33.96 0.60
C ASP C 35 -8.08 -34.73 0.16
N ASN C 36 -9.25 -34.18 0.49
CA ASN C 36 -10.53 -34.86 0.27
C ASN C 36 -10.56 -36.18 1.03
N SER C 37 -10.51 -37.30 0.30
CA SER C 37 -10.57 -38.63 0.91
C SER C 37 -9.25 -39.38 0.80
N ASP C 38 -8.18 -38.71 0.37
CA ASP C 38 -6.89 -39.34 0.15
C ASP C 38 -5.88 -38.85 1.19
N ILE C 39 -5.08 -39.77 1.71
CA ILE C 39 -4.01 -39.45 2.64
C ILE C 39 -2.73 -39.23 1.86
N LYS C 40 -2.05 -38.10 2.13
CA LYS C 40 -0.82 -37.76 1.44
C LYS C 40 0.25 -37.36 2.44
N VAL C 41 1.49 -37.70 2.12
CA VAL C 41 2.66 -37.31 2.90
C VAL C 41 3.50 -36.37 2.04
N VAL C 42 3.60 -35.12 2.47
CA VAL C 42 4.26 -34.07 1.69
C VAL C 42 5.46 -33.53 2.47
N PRO C 43 6.60 -33.30 1.82
CA PRO C 43 7.73 -32.69 2.53
C PRO C 43 7.38 -31.29 3.04
N ARG C 44 8.13 -30.85 4.05
CA ARG C 44 7.90 -29.54 4.64
C ARG C 44 8.05 -28.42 3.62
N ARG C 45 9.06 -28.52 2.76
CA ARG C 45 9.37 -27.48 1.79
C ARG C 45 8.34 -27.36 0.68
N LYS C 46 7.43 -28.35 0.55
CA LYS C 46 6.38 -28.31 -0.45
C LYS C 46 4.99 -28.15 0.17
N ALA C 47 4.92 -27.70 1.42
CA ALA C 47 3.65 -27.56 2.12
C ALA C 47 3.61 -26.24 2.87
N LYS C 48 2.45 -25.60 2.84
CA LYS C 48 2.21 -24.36 3.59
C LYS C 48 1.10 -24.64 4.59
N ILE C 49 1.43 -24.56 5.87
CA ILE C 49 0.47 -24.76 6.96
C ILE C 49 0.03 -23.38 7.44
N ILE C 50 -1.23 -23.05 7.21
CA ILE C 50 -1.76 -21.72 7.47
C ILE C 50 -2.79 -21.83 8.59
N ARG C 51 -2.60 -21.04 9.64
CA ARG C 51 -3.53 -21.03 10.75
C ARG C 51 -4.74 -20.17 10.42
N ASP C 52 -5.91 -20.60 10.88
CA ASP C 52 -7.15 -19.88 10.63
C ASP C 52 -7.21 -18.63 11.49
N TYR C 53 -6.82 -17.50 10.90
CA TYR C 53 -6.85 -16.23 11.64
C TYR C 53 -8.09 -15.45 11.22
N GLY C 54 -7.97 -14.14 11.05
CA GLY C 54 -9.07 -13.32 10.60
C GLY C 54 -10.29 -13.32 11.49
N SER D 78 -22.85 -1.97 1.50
CA SER D 78 -22.17 -2.68 2.58
C SER D 78 -20.73 -2.19 2.71
N PRO D 79 -20.31 -1.90 3.94
CA PRO D 79 -18.97 -1.34 4.15
C PRO D 79 -17.83 -2.29 3.78
N GLY D 80 -18.09 -3.58 3.64
CA GLY D 80 -17.04 -4.56 3.39
C GLY D 80 -16.96 -5.15 2.00
N ILE D 81 -17.64 -4.56 1.02
CA ILE D 81 -17.62 -5.07 -0.36
C ILE D 81 -16.61 -4.28 -1.17
N TRP D 82 -15.71 -5.00 -1.84
CA TRP D 82 -14.70 -4.41 -2.70
C TRP D 82 -14.72 -5.08 -4.06
N GLN D 83 -14.25 -4.35 -5.07
CA GLN D 83 -14.07 -4.89 -6.41
C GLN D 83 -12.64 -4.70 -6.85
N LEU D 84 -12.02 -5.77 -7.37
CA LEU D 84 -10.66 -5.74 -7.84
C LEU D 84 -10.59 -6.17 -9.30
N ASP D 85 -9.76 -5.48 -10.08
CA ASP D 85 -9.54 -5.80 -11.47
C ASP D 85 -8.22 -5.19 -11.91
N CYS D 86 -7.66 -5.73 -12.98
CA CYS D 86 -6.41 -5.26 -13.54
C CYS D 86 -6.65 -4.46 -14.81
N THR D 87 -5.86 -3.40 -14.98
CA THR D 87 -5.81 -2.62 -16.21
C THR D 87 -4.34 -2.46 -16.59
N HIS D 88 -4.10 -2.05 -17.83
CA HIS D 88 -2.74 -1.99 -18.37
CA HIS D 88 -2.75 -1.99 -18.38
C HIS D 88 -2.46 -0.62 -18.96
N LEU D 89 -1.25 -0.13 -18.71
CA LEU D 89 -0.75 1.12 -19.28
C LEU D 89 0.76 1.00 -19.41
N GLU D 90 1.28 1.40 -20.57
CA GLU D 90 2.72 1.40 -20.84
C GLU D 90 3.35 0.03 -20.61
N GLY D 91 2.60 -1.03 -20.90
CA GLY D 91 3.09 -2.39 -20.73
C GLY D 91 3.18 -2.88 -19.31
N LYS D 92 2.63 -2.14 -18.35
CA LYS D 92 2.66 -2.53 -16.95
C LYS D 92 1.26 -2.89 -16.47
N VAL D 93 1.20 -3.67 -15.40
CA VAL D 93 -0.05 -4.17 -14.85
C VAL D 93 -0.43 -3.33 -13.65
N ILE D 94 -1.64 -2.78 -13.65
CA ILE D 94 -2.15 -1.96 -12.57
C ILE D 94 -3.32 -2.69 -11.92
N LEU D 95 -3.16 -3.07 -10.66
CA LEU D 95 -4.21 -3.74 -9.91
C LEU D 95 -4.96 -2.68 -9.10
N VAL D 96 -6.26 -2.56 -9.35
CA VAL D 96 -7.09 -1.51 -8.75
C VAL D 96 -8.14 -2.17 -7.88
N ALA D 97 -8.26 -1.67 -6.64
CA ALA D 97 -9.34 -2.06 -5.73
C ALA D 97 -10.20 -0.84 -5.47
N VAL D 98 -11.52 -1.05 -5.46
CA VAL D 98 -12.48 0.03 -5.25
C VAL D 98 -13.47 -0.38 -4.17
N HIS D 99 -13.70 0.50 -3.22
CA HIS D 99 -14.75 0.33 -2.23
C HIS D 99 -16.06 0.78 -2.85
N VAL D 100 -16.96 -0.16 -3.12
CA VAL D 100 -18.13 0.11 -3.96
C VAL D 100 -19.02 1.17 -3.32
N ALA D 101 -19.21 1.08 -2.00
CA ALA D 101 -20.12 2.00 -1.32
C ALA D 101 -19.63 3.44 -1.35
N SER D 102 -18.33 3.66 -1.49
CA SER D 102 -17.75 5.00 -1.42
C SER D 102 -17.07 5.45 -2.70
N GLY D 103 -16.63 4.54 -3.56
CA GLY D 103 -15.84 4.90 -4.71
C GLY D 103 -14.37 5.10 -4.42
N TYR D 104 -13.96 5.00 -3.16
CA TYR D 104 -12.54 5.08 -2.81
C TYR D 104 -11.78 3.95 -3.50
N ILE D 105 -10.57 4.26 -3.96
CA ILE D 105 -9.79 3.32 -4.74
C ILE D 105 -8.38 3.21 -4.17
N GLU D 106 -7.79 2.02 -4.34
CA GLU D 106 -6.37 1.79 -4.15
C GLU D 106 -5.83 1.14 -5.41
N ALA D 107 -4.63 1.56 -5.82
CA ALA D 107 -4.01 1.05 -7.02
C ALA D 107 -2.52 0.85 -6.77
N GLU D 108 -1.96 -0.17 -7.43
N GLU D 108 -1.97 -0.16 -7.43
CA GLU D 108 -0.56 -0.48 -7.29
CA GLU D 108 -0.55 -0.46 -7.30
C GLU D 108 -0.07 -1.17 -8.57
C GLU D 108 -0.07 -1.15 -8.57
N VAL D 109 1.11 -0.77 -9.02
CA VAL D 109 1.70 -1.35 -10.23
C VAL D 109 2.42 -2.62 -9.83
N ILE D 110 1.90 -3.76 -10.25
CA ILE D 110 2.47 -5.06 -9.88
C ILE D 110 3.38 -5.53 -11.00
N PRO D 111 4.50 -6.20 -10.69
CA PRO D 111 5.42 -6.63 -11.76
C PRO D 111 4.85 -7.70 -12.66
N ALA D 112 3.83 -8.44 -12.24
CA ALA D 112 3.25 -9.49 -13.05
C ALA D 112 1.81 -9.71 -12.63
N GLU D 113 0.94 -10.02 -13.60
CA GLU D 113 -0.47 -10.28 -13.34
C GLU D 113 -0.66 -11.73 -12.90
N THR D 114 -0.09 -12.05 -11.75
CA THR D 114 -0.10 -13.39 -11.20
C THR D 114 -0.93 -13.44 -9.93
N GLY D 115 -1.26 -14.67 -9.51
CA GLY D 115 -1.99 -14.85 -8.26
C GLY D 115 -1.17 -14.48 -7.05
N GLN D 116 0.15 -14.62 -7.12
CA GLN D 116 1.00 -14.25 -5.99
C GLN D 116 0.99 -12.75 -5.74
N GLU D 117 1.09 -11.95 -6.81
CA GLU D 117 1.03 -10.51 -6.66
C GLU D 117 -0.37 -10.05 -6.27
N THR D 118 -1.41 -10.73 -6.76
CA THR D 118 -2.76 -10.38 -6.37
C THR D 118 -3.01 -10.68 -4.90
N ALA D 119 -2.50 -11.81 -4.41
CA ALA D 119 -2.70 -12.18 -3.01
C ALA D 119 -1.94 -11.23 -2.08
N TYR D 120 -0.73 -10.84 -2.47
CA TYR D 120 0.02 -9.88 -1.66
C TYR D 120 -0.69 -8.53 -1.59
N PHE D 121 -1.29 -8.11 -2.70
CA PHE D 121 -2.08 -6.88 -2.71
C PHE D 121 -3.27 -7.00 -1.77
N LEU D 122 -3.94 -8.16 -1.75
CA LEU D 122 -5.11 -8.34 -0.90
C LEU D 122 -4.73 -8.31 0.57
N LEU D 123 -3.58 -8.91 0.93
CA LEU D 123 -3.14 -8.89 2.31
C LEU D 123 -2.94 -7.46 2.80
N LYS D 124 -2.29 -6.62 1.99
CA LYS D 124 -2.13 -5.22 2.34
C LYS D 124 -3.47 -4.52 2.45
N LEU D 125 -4.39 -4.81 1.52
CA LEU D 125 -5.72 -4.23 1.58
C LEU D 125 -6.48 -4.73 2.81
N ALA D 126 -6.38 -6.02 3.11
CA ALA D 126 -7.17 -6.61 4.18
C ALA D 126 -6.75 -6.12 5.55
N GLY D 127 -5.44 -5.93 5.76
CA GLY D 127 -4.97 -5.39 7.03
C GLY D 127 -5.22 -3.92 7.22
N ARG D 128 -5.88 -3.28 6.25
CA ARG D 128 -6.13 -1.84 6.26
C ARG D 128 -7.59 -1.50 6.45
N TRP D 129 -8.48 -2.19 5.76
CA TRP D 129 -9.92 -1.96 5.81
C TRP D 129 -10.62 -3.26 6.19
N PRO D 130 -11.88 -3.18 6.64
CA PRO D 130 -12.64 -4.41 6.88
C PRO D 130 -13.07 -5.04 5.56
N VAL D 131 -12.17 -5.79 4.94
CA VAL D 131 -12.45 -6.43 3.66
C VAL D 131 -13.18 -7.74 3.93
N LYS D 132 -14.47 -7.79 3.60
CA LYS D 132 -15.30 -8.98 3.81
C LYS D 132 -15.62 -9.71 2.52
N THR D 133 -15.88 -8.99 1.43
CA THR D 133 -16.22 -9.60 0.16
C THR D 133 -15.52 -8.86 -0.96
N VAL D 134 -14.88 -9.61 -1.86
CA VAL D 134 -14.21 -9.05 -3.03
C VAL D 134 -14.87 -9.62 -4.28
N HIS D 135 -15.23 -8.73 -5.21
CA HIS D 135 -15.84 -9.11 -6.47
C HIS D 135 -14.80 -8.92 -7.58
N THR D 136 -14.50 -10.00 -8.29
CA THR D 136 -13.55 -9.98 -9.39
C THR D 136 -14.13 -10.69 -10.59
N ASP D 137 -13.45 -10.57 -11.73
CA ASP D 137 -13.80 -11.32 -12.92
C ASP D 137 -13.17 -12.72 -12.81
N ASN D 138 -13.23 -13.49 -13.90
CA ASN D 138 -12.69 -14.84 -13.92
C ASN D 138 -11.25 -14.89 -14.41
N GLY D 139 -10.46 -13.86 -14.15
CA GLY D 139 -9.05 -13.91 -14.48
C GLY D 139 -8.34 -14.99 -13.69
N SER D 140 -7.33 -15.60 -14.33
CA SER D 140 -6.61 -16.70 -13.70
C SER D 140 -5.84 -16.27 -12.47
N ASN D 141 -5.61 -14.96 -12.29
CA ASN D 141 -4.92 -14.49 -11.10
C ASN D 141 -5.84 -14.38 -9.90
N PHE D 142 -7.12 -14.04 -10.12
CA PHE D 142 -8.07 -13.94 -9.02
C PHE D 142 -8.61 -15.30 -8.59
N THR D 143 -8.68 -16.25 -9.52
CA THR D 143 -9.14 -17.60 -9.21
C THR D 143 -8.02 -18.53 -8.77
N SER D 144 -6.80 -18.00 -8.62
CA SER D 144 -5.66 -18.84 -8.26
C SER D 144 -5.80 -19.35 -6.82
N THR D 145 -5.06 -20.41 -6.52
CA THR D 145 -5.07 -20.98 -5.18
C THR D 145 -4.42 -20.04 -4.18
N THR D 146 -3.36 -19.34 -4.60
CA THR D 146 -2.66 -18.43 -3.69
C THR D 146 -3.57 -17.30 -3.22
N VAL D 147 -4.47 -16.84 -4.08
CA VAL D 147 -5.42 -15.80 -3.67
C VAL D 147 -6.46 -16.38 -2.74
N LYS D 148 -6.91 -17.61 -3.00
CA LYS D 148 -7.87 -18.28 -2.12
C LYS D 148 -7.29 -18.43 -0.72
N ALA D 149 -6.01 -18.74 -0.62
CA ALA D 149 -5.37 -18.89 0.69
C ALA D 149 -5.30 -17.56 1.42
N ALA D 150 -5.00 -16.48 0.69
CA ALA D 150 -4.97 -15.16 1.30
C ALA D 150 -6.34 -14.74 1.80
N CYS D 151 -7.37 -14.95 0.98
CA CYS D 151 -8.72 -14.56 1.38
C CYS D 151 -9.21 -15.38 2.57
N TRP D 152 -8.86 -16.66 2.62
CA TRP D 152 -9.26 -17.48 3.75
C TRP D 152 -8.54 -17.06 5.04
N TRP D 153 -7.25 -16.75 4.95
CA TRP D 153 -6.52 -16.33 6.14
C TRP D 153 -7.05 -14.99 6.67
N ALA D 154 -7.34 -14.06 5.77
CA ALA D 154 -7.86 -12.75 6.15
C ALA D 154 -9.37 -12.75 6.36
N GLY D 155 -10.04 -13.88 6.12
CA GLY D 155 -11.48 -13.94 6.31
C GLY D 155 -12.28 -13.22 5.24
N ILE D 156 -11.87 -13.37 3.97
CA ILE D 156 -12.49 -12.67 2.85
C ILE D 156 -13.23 -13.66 1.99
N LYS D 157 -14.46 -13.31 1.62
CA LYS D 157 -15.25 -14.10 0.69
C LYS D 157 -15.08 -13.57 -0.73
N GLN D 158 -14.93 -14.48 -1.68
CA GLN D 158 -14.74 -14.10 -3.08
C GLN D 158 -16.02 -14.35 -3.87
N GLU D 159 -16.31 -13.43 -4.79
CA GLU D 159 -17.43 -13.56 -5.71
C GLU D 159 -16.93 -13.30 -7.13
N PHE D 160 -17.42 -14.09 -8.07
CA PHE D 160 -16.99 -13.96 -9.47
C PHE D 160 -18.18 -13.68 -10.38
N GLN D 169 -21.98 -3.81 -9.89
CA GLN D 169 -22.59 -2.89 -10.84
C GLN D 169 -21.61 -2.45 -11.92
N GLY D 170 -20.51 -3.18 -12.05
CA GLY D 170 -19.45 -2.77 -12.96
C GLY D 170 -18.80 -1.48 -12.52
N VAL D 171 -18.58 -1.32 -11.21
CA VAL D 171 -17.98 -0.10 -10.70
C VAL D 171 -16.51 -0.02 -11.08
N ILE D 172 -15.81 -1.15 -11.04
CA ILE D 172 -14.38 -1.14 -11.31
C ILE D 172 -14.09 -0.86 -12.78
N GLU D 173 -14.98 -1.30 -13.68
CA GLU D 173 -14.75 -1.04 -15.10
C GLU D 173 -14.90 0.44 -15.41
N SER D 174 -15.90 1.10 -14.81
CA SER D 174 -16.00 2.55 -14.95
C SER D 174 -14.87 3.25 -14.21
N MET D 175 -14.34 2.64 -13.15
CA MET D 175 -13.25 3.24 -12.40
C MET D 175 -11.92 3.11 -13.12
N ASN D 176 -11.70 2.01 -13.85
CA ASN D 176 -10.48 1.88 -14.65
C ASN D 176 -10.40 2.98 -15.70
N LYS D 177 -11.53 3.32 -16.32
CA LYS D 177 -11.56 4.45 -17.24
C LYS D 177 -11.26 5.75 -16.53
N GLU D 178 -11.84 5.93 -15.33
CA GLU D 178 -11.59 7.16 -14.58
C GLU D 178 -10.15 7.26 -14.13
N LEU D 179 -9.55 6.14 -13.68
CA LEU D 179 -8.15 6.18 -13.26
C LEU D 179 -7.24 6.48 -14.43
N LYS D 180 -7.41 5.77 -15.55
CA LYS D 180 -6.58 6.01 -16.72
C LYS D 180 -6.79 7.41 -17.29
N LYS D 181 -7.98 7.97 -17.10
CA LYS D 181 -8.23 9.34 -17.54
C LYS D 181 -7.37 10.33 -16.76
N ILE D 182 -7.36 10.21 -15.43
CA ILE D 182 -6.57 11.12 -14.61
C ILE D 182 -5.08 10.86 -14.80
N ILE D 183 -4.69 9.61 -15.07
CA ILE D 183 -3.28 9.31 -15.32
C ILE D 183 -2.78 10.05 -16.54
N GLY D 184 -3.56 10.03 -17.63
CA GLY D 184 -3.16 10.73 -18.83
C GLY D 184 -3.12 12.24 -18.65
N GLN D 185 -3.92 12.77 -17.74
CA GLN D 185 -3.93 14.21 -17.50
C GLN D 185 -2.68 14.67 -16.75
N VAL D 186 -2.06 13.77 -15.97
CA VAL D 186 -0.92 14.11 -15.14
C VAL D 186 0.33 13.33 -15.53
N ARG D 187 0.28 12.59 -16.65
CA ARG D 187 1.37 11.69 -16.99
C ARG D 187 2.68 12.44 -17.21
N ASP D 188 2.62 13.62 -17.84
CA ASP D 188 3.83 14.38 -18.12
C ASP D 188 4.46 14.97 -16.86
N GLN D 189 3.75 14.96 -15.73
CA GLN D 189 4.28 15.51 -14.49
C GLN D 189 5.22 14.57 -13.76
N ALA D 190 5.42 13.35 -14.26
CA ALA D 190 6.27 12.39 -13.59
C ALA D 190 6.94 11.49 -14.62
N GLU D 191 8.13 11.00 -14.25
CA GLU D 191 8.84 10.06 -15.11
C GLU D 191 8.21 8.68 -15.06
N HIS D 192 8.06 8.12 -13.86
CA HIS D 192 7.56 6.77 -13.70
C HIS D 192 6.05 6.75 -13.79
N LEU D 193 5.52 5.72 -14.47
CA LEU D 193 4.07 5.56 -14.55
C LEU D 193 3.47 5.34 -13.16
N LYS D 194 4.17 4.59 -12.31
CA LYS D 194 3.65 4.31 -10.97
C LYS D 194 3.45 5.58 -10.16
N THR D 195 4.25 6.62 -10.44
CA THR D 195 4.05 7.89 -9.75
C THR D 195 2.77 8.58 -10.22
N ALA D 196 2.54 8.59 -11.54
CA ALA D 196 1.29 9.15 -12.06
C ALA D 196 0.07 8.35 -11.58
N VAL D 197 0.24 7.04 -11.39
CA VAL D 197 -0.86 6.23 -10.87
C VAL D 197 -1.27 6.71 -9.48
N GLN D 198 -0.30 6.87 -8.59
CA GLN D 198 -0.62 7.26 -7.22
C GLN D 198 -1.07 8.71 -7.12
N MET D 199 -0.59 9.57 -8.02
CA MET D 199 -1.14 10.92 -8.10
C MET D 199 -2.60 10.89 -8.51
N ALA D 200 -2.93 10.03 -9.49
CA ALA D 200 -4.32 9.91 -9.93
C ALA D 200 -5.21 9.35 -8.84
N VAL D 201 -4.71 8.37 -8.07
CA VAL D 201 -5.47 7.85 -6.94
C VAL D 201 -5.68 8.94 -5.89
N PHE D 202 -4.63 9.72 -5.62
CA PHE D 202 -4.76 10.87 -4.72
C PHE D 202 -5.85 11.81 -5.21
N ILE D 203 -5.77 12.22 -6.48
CA ILE D 203 -6.74 13.18 -7.03
C ILE D 203 -8.15 12.63 -6.93
N HIS D 204 -8.33 11.33 -7.17
CA HIS D 204 -9.66 10.74 -7.14
C HIS D 204 -10.23 10.72 -5.72
N ASN D 205 -9.44 10.25 -4.76
CA ASN D 205 -9.95 10.06 -3.41
C ASN D 205 -10.17 11.37 -2.67
N LYS D 206 -9.53 12.45 -3.10
CA LYS D 206 -9.63 13.74 -2.41
C LYS D 206 -10.59 14.72 -3.07
N LYS D 207 -11.10 14.41 -4.26
CA LYS D 207 -11.93 15.34 -5.00
C LYS D 207 -13.34 15.39 -4.43
N ARG D 208 -13.79 16.60 -4.09
CA ARG D 208 -15.14 16.80 -3.57
C ARG D 208 -16.13 16.92 -4.72
N LYS D 209 -17.25 16.20 -4.60
CA LYS D 209 -18.33 16.18 -5.60
C LYS D 209 -19.32 15.05 -5.28
N GLY D 214 -21.10 17.89 -0.06
CA GLY D 214 -20.52 16.80 -0.81
C GLY D 214 -19.26 16.25 -0.20
N TYR D 215 -19.13 14.92 -0.18
CA TYR D 215 -17.97 14.25 0.37
C TYR D 215 -17.01 13.89 -0.74
N SER D 216 -15.78 13.54 -0.35
CA SER D 216 -14.83 12.93 -1.27
C SER D 216 -14.90 11.42 -1.13
N ALA D 217 -14.25 10.72 -2.06
CA ALA D 217 -14.21 9.26 -1.98
C ALA D 217 -13.51 8.80 -0.71
N GLY D 218 -12.37 9.42 -0.38
CA GLY D 218 -11.67 9.08 0.84
C GLY D 218 -12.45 9.41 2.10
N GLU D 219 -13.25 10.47 2.05
CA GLU D 219 -14.06 10.83 3.21
C GLU D 219 -15.24 9.87 3.39
N ARG D 220 -15.81 9.40 2.28
CA ARG D 220 -16.98 8.52 2.38
C ARG D 220 -16.61 7.17 3.00
N ILE D 221 -15.50 6.57 2.57
CA ILE D 221 -15.14 5.25 3.09
C ILE D 221 -14.82 5.32 4.57
N VAL D 222 -14.15 6.39 5.00
CA VAL D 222 -13.86 6.55 6.42
C VAL D 222 -15.14 6.83 7.19
N ASP D 223 -16.06 7.58 6.59
CA ASP D 223 -17.35 7.83 7.23
C ASP D 223 -18.19 6.56 7.32
N ILE D 224 -18.23 5.77 6.24
CA ILE D 224 -19.05 4.56 6.22
C ILE D 224 -18.52 3.55 7.22
N ILE D 225 -17.21 3.33 7.23
CA ILE D 225 -16.63 2.29 8.08
C ILE D 225 -16.72 2.69 9.55
N ALA D 226 -16.44 3.97 9.86
CA ALA D 226 -16.52 4.41 11.25
C ALA D 226 -17.95 4.37 11.77
N THR D 227 -18.94 4.61 10.91
CA THR D 227 -20.33 4.51 11.33
C THR D 227 -20.67 3.08 11.76
N ASP D 228 -20.11 2.09 11.05
CA ASP D 228 -20.35 0.71 11.45
C ASP D 228 -19.59 0.34 12.72
N ILE D 229 -18.43 0.98 12.94
CA ILE D 229 -17.66 0.73 14.16
C ILE D 229 -18.36 1.32 15.37
N GLN D 230 -18.73 2.60 15.27
CA GLN D 230 -19.30 3.33 16.40
C GLN D 230 -20.72 2.91 16.74
N THR D 231 -21.38 2.14 15.88
CA THR D 231 -22.74 1.69 16.14
C THR D 231 -22.80 0.18 16.32
CL CL E . 12.35 30.05 -22.98
C1 EDO F . 17.22 -1.99 12.15
O1 EDO F . 18.36 -1.33 11.58
C2 EDO F . 16.37 -0.97 12.91
O2 EDO F . 15.23 -1.62 13.49
C1 EDO G . 18.76 8.05 -1.74
O1 EDO G . 18.96 7.64 -0.38
C2 EDO G . 18.55 9.55 -1.78
O2 EDO G . 19.68 10.19 -1.19
C1 EDO H . 17.37 -4.48 -0.19
O1 EDO H . 17.71 -5.75 -0.75
C2 EDO H . 18.47 -4.03 0.76
O2 EDO H . 19.42 -3.21 0.06
C1 EDO I . 20.76 -8.68 8.60
O1 EDO I . 21.45 -8.43 7.37
C2 EDO I . 19.76 -7.56 8.87
O2 EDO I . 18.73 -7.57 7.86
C10 U60 J . 0.10 -17.30 4.10
C13 U60 J . 1.80 -20.05 -2.23
C15 U60 J . 3.50 -18.32 -1.98
C17 U60 J . 4.88 -17.78 -2.42
C21 U60 J . 2.24 -14.70 -1.67
C24 U60 J . -0.38 -20.04 -0.88
C26 U60 J . -0.70 -21.36 -1.61
C28 U60 J . 1.55 -13.80 -0.63
C01 U60 J . -0.10 -17.05 2.75
C02 U60 J . 0.72 -17.73 1.81
C03 U60 J . 0.56 -17.51 0.43
C04 U60 J . -0.42 -16.61 -0.01
C05 U60 J . -1.23 -15.94 0.91
C06 U60 J . -1.07 -16.15 2.30
C08 U60 J . -1.44 -15.30 4.49
C09 U60 J . -0.78 -16.53 5.07
C11 U60 J . 1.46 -18.24 -0.65
C12 U60 J . 1.00 -19.41 -1.27
C14 U60 J . 3.04 -19.50 -2.58
C16 U60 J . 2.70 -17.68 -1.01
C18 U60 J . 3.14 -16.38 -0.29
C19 U60 J . 4.35 -16.65 0.61
C25 U60 J . -0.93 -21.24 -0.11
C27 U60 J . 1.80 -18.72 2.32
C29 U60 J . 2.35 -13.17 -1.78
O07 U60 J . -1.90 -15.48 3.14
O20 U60 J . 3.41 -15.36 -1.21
O22 U60 J . 5.15 -15.72 0.90
O23 U60 J . 4.54 -17.81 1.07
MG MG K . 15.72 5.34 11.14
C1 EDO L . 2.23 -18.22 -7.13
O1 EDO L . 2.45 -19.57 -6.72
C2 EDO L . 1.31 -18.19 -8.34
O2 EDO L . 1.17 -16.84 -8.79
C10 U60 M . 5.83 14.73 -8.66
C13 U60 M . 12.67 13.05 -8.90
C15 U60 M . 11.72 10.99 -9.77
C17 U60 M . 11.96 9.69 -10.58
C21 U60 M . 9.34 9.03 -7.41
C24 U60 M . 11.31 14.73 -7.53
C26 U60 M . 11.96 15.92 -8.25
C28 U60 M . 7.91 9.08 -6.86
C01 U60 M . 6.75 13.97 -7.93
C02 U60 M . 7.98 13.65 -8.54
C03 U60 M . 8.94 12.89 -7.84
C04 U60 M . 8.66 12.45 -6.53
C05 U60 M . 7.43 12.78 -5.93
C06 U60 M . 6.47 13.53 -6.64
C08 U60 M . 4.15 13.97 -6.86
C09 U60 M . 4.41 14.76 -8.14
C11 U60 M . 10.33 12.52 -8.48
C12 U60 M . 11.44 13.38 -8.33
C14 U60 M . 12.81 11.86 -9.62
C16 U60 M . 10.47 11.32 -9.20
C18 U60 M . 9.22 10.40 -9.34
C19 U60 M . 8.78 10.32 -10.80
C25 U60 M . 12.19 15.73 -6.75
C27 U60 M . 8.28 14.13 -9.97
C29 U60 M . 8.68 7.75 -6.89
O07 U60 M . 5.30 13.82 -6.02
O20 U60 M . 9.47 9.12 -8.82
O22 U60 M . 9.11 11.22 -11.62
O23 U60 M . 8.08 9.34 -11.20
C1 PGE N . 6.79 -6.62 -4.14
O1 PGE N . 6.74 -5.80 -2.98
C2 PGE N . 5.65 -6.22 -5.07
O2 PGE N . 5.91 -4.95 -5.61
C3 PGE N . 5.01 -3.94 -5.19
C4 PGE N . 3.61 -4.26 -5.67
O4 PGE N . 1.65 -7.30 -5.60
C6 PGE N . 1.07 -6.45 -4.64
C5 PGE N . 1.50 -5.02 -4.93
O3 PGE N . 2.87 -4.86 -4.63
C1 EDO O . -2.28 17.52 -10.38
O1 EDO O . -0.86 17.61 -10.19
C2 EDO O . -2.69 18.33 -11.61
O2 EDO O . -4.11 18.20 -11.81
C1 EDO P . -1.21 -5.54 5.82
O1 EDO P . -2.09 -6.62 6.16
C2 EDO P . -1.93 -4.20 5.97
O2 EDO P . -1.46 -3.27 5.00
MG MG Q . -10.08 -8.31 -15.52
#